data_3H2E
#
_entry.id   3H2E
#
_cell.length_a   98.063
_cell.length_b   98.063
_cell.length_c   263.945
_cell.angle_alpha   90.00
_cell.angle_beta   90.00
_cell.angle_gamma   120.00
#
_symmetry.space_group_name_H-M   'P 62 2 2'
#
loop_
_entity.id
_entity.type
_entity.pdbx_description
1 polymer 'Dihydropteroate synthase'
2 non-polymer 'SULFATE ION'
3 non-polymer 1,3-dimethyl-2,4,7-trioxo-1,2,3,4,7,8-hexahydropteridine-6-carbaldehyde
4 water water
#
_entity_poly.entity_id   1
_entity_poly.type   'polypeptide(L)'
_entity_poly.pdbx_seq_one_letter_code
;MGSSHHHHHHSSGLVPRGSHMKWDYDLRCGEYTLNLNEKTLIMGILNVTPDSFSDGGSYNEVDAAVRHAKEMRDEGAHII
DIGGESTRPGFAKVSVEEEIKRVVPMIQAVSKEVKLPISIDTYKAEVAKQAIEAGAHIINDIWGAKAEPKIAEVAAHYDV
PIILMHNRDNMNYRNLMADMIADLYDSIKIAKDAGVRDENIILDPGIGFAKTPEQNLEAMRNLEQLNVLGYPVLLGTSRK
SFIGHVLDLPVEERLEGTGATVCLGIEKGCEFVRVHDVKEMSRMAKMMDAMIGKGVK
;
_entity_poly.pdbx_strand_id   A,B
#
# COMPACT_ATOMS: atom_id res chain seq x y z
N LYS A 22 1.59 10.07 -40.61
CA LYS A 22 1.39 11.50 -40.20
C LYS A 22 2.47 12.03 -39.24
N TRP A 23 2.83 11.25 -38.21
CA TRP A 23 3.92 11.65 -37.32
C TRP A 23 5.18 10.89 -37.71
N ASP A 24 6.26 11.63 -37.95
CA ASP A 24 7.53 11.01 -38.34
C ASP A 24 8.45 10.77 -37.14
N TYR A 25 7.87 10.76 -35.93
CA TYR A 25 8.61 10.43 -34.71
C TYR A 25 7.66 9.81 -33.67
N ASP A 26 8.24 9.11 -32.70
CA ASP A 26 7.50 8.54 -31.58
C ASP A 26 7.75 9.42 -30.35
N LEU A 27 6.81 9.46 -29.44
CA LEU A 27 6.95 10.17 -28.18
C LEU A 27 7.84 9.34 -27.27
N ARG A 28 9.00 9.89 -26.96
CA ARG A 28 9.99 9.21 -26.13
C ARG A 28 9.81 9.59 -24.67
N CYS A 29 9.46 8.59 -23.86
CA CYS A 29 9.22 8.77 -22.43
C CYS A 29 10.15 7.87 -21.60
N GLY A 30 11.46 8.16 -21.64
CA GLY A 30 12.45 7.36 -20.90
C GLY A 30 12.46 5.91 -21.31
N GLU A 31 12.07 5.03 -20.40
CA GLU A 31 11.94 3.59 -20.64
C GLU A 31 10.79 3.20 -21.60
N TYR A 32 9.84 4.11 -21.80
CA TYR A 32 8.68 3.83 -22.65
C TYR A 32 8.71 4.63 -23.94
N THR A 33 8.05 4.11 -24.97
CA THR A 33 7.92 4.81 -26.25
C THR A 33 6.47 4.71 -26.71
N LEU A 34 5.87 5.87 -27.00
CA LEU A 34 4.49 5.93 -27.47
C LEU A 34 4.43 6.26 -28.96
N ASN A 35 3.91 5.31 -29.73
CA ASN A 35 3.69 5.49 -31.17
C ASN A 35 2.46 6.36 -31.36
N LEU A 36 2.59 7.44 -32.13
CA LEU A 36 1.51 8.41 -32.31
C LEU A 36 0.58 8.05 -33.47
N ASN A 37 0.95 7.05 -34.26
CA ASN A 37 0.24 6.72 -35.50
C ASN A 37 -0.68 5.50 -35.40
N GLU A 38 -0.41 4.62 -34.46
CA GLU A 38 -1.07 3.30 -34.42
C GLU A 38 -2.49 3.33 -33.82
N LYS A 39 -2.71 4.18 -32.80
CA LYS A 39 -3.95 4.18 -32.03
C LYS A 39 -4.08 5.47 -31.24
N THR A 40 -5.31 5.85 -30.88
CA THR A 40 -5.50 6.95 -29.97
C THR A 40 -4.98 6.53 -28.59
N LEU A 41 -4.18 7.40 -27.96
CA LEU A 41 -3.59 7.09 -26.64
C LEU A 41 -4.49 7.53 -25.50
N ILE A 42 -4.71 6.62 -24.55
CA ILE A 42 -5.65 6.81 -23.46
C ILE A 42 -4.86 7.23 -22.20
N MET A 43 -5.15 8.41 -21.67
CA MET A 43 -4.52 8.85 -20.42
C MET A 43 -5.54 8.75 -19.30
N GLY A 44 -5.32 7.83 -18.35
CA GLY A 44 -6.26 7.63 -17.24
C GLY A 44 -6.00 8.63 -16.13
N ILE A 45 -7.05 9.23 -15.58
CA ILE A 45 -6.90 10.24 -14.53
C ILE A 45 -6.82 9.58 -13.13
N LEU A 46 -5.73 9.84 -12.41
CA LEU A 46 -5.60 9.42 -10.97
C LEU A 46 -5.58 10.71 -10.12
N ASN A 47 -6.60 10.94 -9.33
CA ASN A 47 -6.62 12.03 -8.35
C ASN A 47 -6.33 11.47 -6.95
N VAL A 48 -5.49 12.16 -6.20
CA VAL A 48 -5.20 11.76 -4.81
C VAL A 48 -6.45 11.74 -3.95
N THR A 49 -6.58 10.72 -3.11
CA THR A 49 -7.56 10.70 -2.03
C THR A 49 -6.78 10.80 -0.73
N PRO A 50 -6.69 12.00 -0.15
CA PRO A 50 -5.84 12.19 1.04
C PRO A 50 -6.39 11.49 2.29
N ASP A 51 -5.48 10.89 3.06
CA ASP A 51 -5.79 10.27 4.34
C ASP A 51 -5.89 11.35 5.42
N SER A 52 -6.88 11.21 6.30
CA SER A 52 -7.20 12.23 7.30
C SER A 52 -6.16 12.58 8.34
N PHE A 53 -5.23 11.68 8.66
CA PHE A 53 -4.26 12.04 9.68
C PHE A 53 -2.83 12.06 9.17
N SER A 54 -2.63 12.26 7.88
CA SER A 54 -1.28 12.41 7.37
C SER A 54 -1.08 13.52 6.35
N ASP A 55 0.19 13.89 6.18
CA ASP A 55 0.61 14.86 5.18
C ASP A 55 0.86 14.21 3.83
N GLY A 56 0.94 12.88 3.80
CA GLY A 56 1.15 12.14 2.56
C GLY A 56 1.99 10.90 2.79
N GLY A 57 1.96 9.97 1.82
CA GLY A 57 2.80 8.78 1.84
C GLY A 57 2.26 7.62 2.65
N SER A 58 1.07 7.79 3.20
CA SER A 58 0.43 6.80 4.06
C SER A 58 -0.05 5.60 3.29
N TYR A 59 -0.06 4.43 3.92
CA TYR A 59 -0.42 3.21 3.20
C TYR A 59 -1.76 3.31 2.50
N ASN A 60 -2.79 3.71 3.22
CA ASN A 60 -4.15 3.70 2.65
C ASN A 60 -4.30 4.56 1.41
N GLU A 61 -3.75 5.77 1.50
CA GLU A 61 -3.74 6.75 0.43
C GLU A 61 -2.97 6.23 -0.78
N VAL A 62 -1.74 5.76 -0.55
CA VAL A 62 -0.88 5.31 -1.65
C VAL A 62 -1.36 3.99 -2.25
N ASP A 63 -1.78 3.06 -1.40
CA ASP A 63 -2.41 1.82 -1.85
C ASP A 63 -3.63 2.02 -2.74
N ALA A 64 -4.52 2.94 -2.36
CA ALA A 64 -5.63 3.39 -3.24
C ALA A 64 -5.17 3.85 -4.62
N ALA A 65 -4.15 4.68 -4.67
CA ALA A 65 -3.59 5.14 -5.92
C ALA A 65 -3.08 3.98 -6.77
N VAL A 66 -2.28 3.11 -6.15
CA VAL A 66 -1.68 1.97 -6.87
C VAL A 66 -2.76 1.06 -7.44
N ARG A 67 -3.77 0.74 -6.63
CA ARG A 67 -4.85 -0.16 -7.05
C ARG A 67 -5.64 0.45 -8.22
N HIS A 68 -5.88 1.75 -8.17
CA HIS A 68 -6.61 2.40 -9.25
C HIS A 68 -5.78 2.47 -10.55
N ALA A 69 -4.48 2.77 -10.43
CA ALA A 69 -3.57 2.71 -11.57
C ALA A 69 -3.50 1.33 -12.21
N LYS A 70 -3.50 0.26 -11.41
CA LYS A 70 -3.51 -1.10 -11.95
C LYS A 70 -4.81 -1.44 -12.68
N GLU A 71 -5.94 -1.01 -12.13
CA GLU A 71 -7.25 -1.20 -12.76
C GLU A 71 -7.29 -0.46 -14.12
N MET A 72 -6.82 0.79 -14.17
CA MET A 72 -6.81 1.58 -15.41
C MET A 72 -5.91 0.94 -16.46
N ARG A 73 -4.74 0.47 -16.02
CA ARG A 73 -3.86 -0.30 -16.88
C ARG A 73 -4.57 -1.51 -17.51
N ASP A 74 -5.24 -2.30 -16.68
CA ASP A 74 -5.91 -3.52 -17.15
C ASP A 74 -7.05 -3.23 -18.13
N GLU A 75 -7.66 -2.05 -18.02
CA GLU A 75 -8.74 -1.67 -18.94
C GLU A 75 -8.36 -0.79 -20.13
N GLY A 76 -7.07 -0.58 -20.35
CA GLY A 76 -6.62 0.04 -21.59
C GLY A 76 -5.83 1.36 -21.54
N ALA A 77 -5.52 1.85 -20.34
CA ALA A 77 -4.78 3.11 -20.26
C ALA A 77 -3.35 2.95 -20.78
N HIS A 78 -2.83 3.99 -21.43
CA HIS A 78 -1.46 3.98 -21.93
C HIS A 78 -0.60 4.91 -21.09
N ILE A 79 -1.21 5.78 -20.32
CA ILE A 79 -0.49 6.75 -19.49
C ILE A 79 -1.34 6.93 -18.25
N ILE A 80 -0.68 7.08 -17.11
CA ILE A 80 -1.37 7.35 -15.84
C ILE A 80 -1.03 8.79 -15.47
N ASP A 81 -2.05 9.65 -15.35
CA ASP A 81 -1.88 11.06 -14.99
C ASP A 81 -2.18 11.27 -13.50
N ILE A 82 -1.20 11.77 -12.75
CA ILE A 82 -1.29 11.87 -11.31
C ILE A 82 -1.39 13.33 -10.87
N GLY A 83 -2.39 13.62 -10.07
CA GLY A 83 -2.61 15.00 -9.63
C GLY A 83 -2.69 15.07 -8.11
N GLY A 84 -1.94 16.01 -7.54
CA GLY A 84 -2.07 16.34 -6.12
C GLY A 84 -3.24 17.27 -5.85
N GLU A 85 -3.25 17.80 -4.63
CA GLU A 85 -4.36 18.61 -4.11
C GLU A 85 -4.49 20.00 -4.74
N SER A 86 -3.37 20.55 -5.19
CA SER A 86 -3.31 21.89 -5.79
C SER A 86 -3.84 21.99 -7.22
N THR A 87 -4.10 20.85 -7.84
CA THR A 87 -4.59 20.85 -9.21
C THR A 87 -6.09 20.51 -9.26
N ARG A 88 -6.64 20.43 -10.46
CA ARG A 88 -8.02 20.01 -10.71
C ARG A 88 -8.34 18.60 -10.17
N PRO A 89 -9.60 18.38 -9.72
CA PRO A 89 -10.73 19.33 -9.77
C PRO A 89 -10.83 20.29 -8.56
N GLY A 90 -10.01 20.05 -7.53
CA GLY A 90 -10.18 20.72 -6.24
C GLY A 90 -9.53 22.07 -6.05
N PHE A 91 -8.40 22.30 -6.75
CA PHE A 91 -7.63 23.55 -6.67
C PHE A 91 -7.34 24.07 -5.25
N ALA A 92 -7.00 23.16 -4.34
CA ALA A 92 -6.72 23.51 -2.95
C ALA A 92 -5.51 24.43 -2.89
N LYS A 93 -5.54 25.41 -1.99
CA LYS A 93 -4.39 26.24 -1.77
C LYS A 93 -3.44 25.49 -0.81
N VAL A 94 -2.30 25.07 -1.35
CA VAL A 94 -1.34 24.29 -0.60
C VAL A 94 0.05 24.66 -1.09
N SER A 95 1.00 24.75 -0.15
CA SER A 95 2.38 25.11 -0.47
C SER A 95 3.07 24.01 -1.27
N VAL A 96 4.17 24.38 -1.92
CA VAL A 96 4.97 23.43 -2.69
C VAL A 96 5.48 22.27 -1.82
N GLU A 97 5.98 22.60 -0.62
CA GLU A 97 6.51 21.58 0.31
C GLU A 97 5.48 20.52 0.68
N GLU A 98 4.25 20.96 0.96
CA GLU A 98 3.13 20.08 1.28
C GLU A 98 2.69 19.23 0.10
N GLU A 99 2.71 19.82 -1.09
CA GLU A 99 2.30 19.13 -2.30
C GLU A 99 3.27 17.99 -2.65
N ILE A 100 4.57 18.23 -2.46
CA ILE A 100 5.63 17.24 -2.68
C ILE A 100 5.53 16.01 -1.73
N LYS A 101 5.17 16.25 -0.47
CA LYS A 101 4.95 15.20 0.52
C LYS A 101 3.84 14.19 0.12
N ARG A 102 2.83 14.66 -0.62
CA ARG A 102 1.71 13.83 -1.00
C ARG A 102 1.95 13.21 -2.38
N VAL A 103 2.44 14.02 -3.31
CA VAL A 103 2.60 13.57 -4.67
C VAL A 103 3.78 12.61 -4.90
N VAL A 104 4.95 12.91 -4.33
CA VAL A 104 6.15 12.09 -4.54
C VAL A 104 5.99 10.59 -4.15
N PRO A 105 5.48 10.30 -2.93
CA PRO A 105 5.18 8.89 -2.65
C PRO A 105 4.26 8.17 -3.62
N MET A 106 3.29 8.89 -4.20
CA MET A 106 2.36 8.27 -5.13
C MET A 106 3.10 7.92 -6.42
N ILE A 107 3.89 8.85 -6.92
CA ILE A 107 4.67 8.61 -8.14
C ILE A 107 5.69 7.49 -7.96
N GLN A 108 6.38 7.47 -6.83
CA GLN A 108 7.33 6.39 -6.52
C GLN A 108 6.67 4.99 -6.58
N ALA A 109 5.54 4.81 -5.89
CA ALA A 109 4.86 3.52 -5.84
C ALA A 109 4.24 3.12 -7.18
N VAL A 110 3.54 4.07 -7.83
CA VAL A 110 2.87 3.77 -9.08
C VAL A 110 3.91 3.45 -10.16
N SER A 111 4.98 4.24 -10.24
CA SER A 111 6.01 4.01 -11.25
C SER A 111 6.74 2.67 -11.10
N LYS A 112 6.89 2.23 -9.87
CA LYS A 112 7.50 0.93 -9.61
C LYS A 112 6.54 -0.22 -9.91
N GLU A 113 5.26 -0.03 -9.60
CA GLU A 113 4.31 -1.14 -9.63
C GLU A 113 3.47 -1.25 -10.91
N VAL A 114 3.40 -0.17 -11.68
CA VAL A 114 2.63 -0.17 -12.92
C VAL A 114 3.57 0.23 -14.07
N LYS A 115 3.69 -0.64 -15.07
CA LYS A 115 4.62 -0.40 -16.17
C LYS A 115 4.01 0.46 -17.32
N LEU A 116 3.70 1.70 -17.00
CA LEU A 116 3.22 2.66 -17.98
C LEU A 116 3.92 4.01 -17.71
N PRO A 117 4.06 4.85 -18.74
CA PRO A 117 4.51 6.21 -18.47
C PRO A 117 3.56 6.95 -17.52
N ILE A 118 4.13 7.85 -16.72
CA ILE A 118 3.40 8.64 -15.75
C ILE A 118 3.51 10.12 -16.12
N SER A 119 2.37 10.79 -16.06
CA SER A 119 2.29 12.23 -16.24
C SER A 119 2.04 12.92 -14.90
N ILE A 120 2.76 14.01 -14.59
CA ILE A 120 2.48 14.81 -13.40
C ILE A 120 1.62 16.04 -13.80
N ASP A 121 0.43 16.14 -13.23
CA ASP A 121 -0.49 17.23 -13.54
C ASP A 121 -0.23 18.39 -12.55
N THR A 122 0.58 19.35 -12.96
CA THR A 122 0.94 20.51 -12.14
C THR A 122 1.37 21.70 -12.98
N TYR A 123 1.15 22.90 -12.47
CA TYR A 123 1.69 24.10 -13.13
C TYR A 123 2.91 24.67 -12.40
N LYS A 124 3.28 24.03 -11.28
CA LYS A 124 4.40 24.47 -10.44
C LYS A 124 5.72 23.80 -10.84
N ALA A 125 6.74 24.62 -11.09
CA ALA A 125 8.04 24.12 -11.56
C ALA A 125 8.73 23.20 -10.56
N GLU A 126 8.63 23.51 -9.28
CA GLU A 126 9.29 22.66 -8.27
C GLU A 126 8.58 21.31 -8.08
N VAL A 127 7.25 21.31 -8.15
CA VAL A 127 6.50 20.06 -8.13
C VAL A 127 6.89 19.15 -9.29
N ALA A 128 6.95 19.73 -10.48
CA ALA A 128 7.33 18.99 -11.69
C ALA A 128 8.73 18.39 -11.56
N LYS A 129 9.68 19.19 -11.11
CA LYS A 129 11.03 18.69 -10.95
C LYS A 129 11.10 17.51 -9.98
N GLN A 130 10.56 17.67 -8.78
CA GLN A 130 10.53 16.57 -7.80
C GLN A 130 9.78 15.35 -8.32
N ALA A 131 8.71 15.60 -9.09
CA ALA A 131 7.92 14.51 -9.66
C ALA A 131 8.73 13.71 -10.66
N ILE A 132 9.45 14.39 -11.53
CA ILE A 132 10.30 13.73 -12.51
C ILE A 132 11.40 12.92 -11.78
N GLU A 133 12.02 13.53 -10.77
CA GLU A 133 13.02 12.82 -9.95
C GLU A 133 12.42 11.58 -9.30
N ALA A 134 11.14 11.64 -8.94
CA ALA A 134 10.50 10.51 -8.28
C ALA A 134 10.09 9.42 -9.26
N GLY A 135 10.15 9.72 -10.56
CA GLY A 135 9.84 8.72 -11.59
C GLY A 135 8.81 9.07 -12.66
N ALA A 136 8.29 10.29 -12.66
CA ALA A 136 7.36 10.73 -13.73
C ALA A 136 8.06 10.97 -15.08
N HIS A 137 7.29 10.86 -16.16
CA HIS A 137 7.83 10.87 -17.52
C HIS A 137 7.34 12.08 -18.31
N ILE A 138 6.25 12.70 -17.88
CA ILE A 138 5.59 13.73 -18.72
C ILE A 138 5.08 14.81 -17.79
N ILE A 139 5.15 16.06 -18.22
CA ILE A 139 4.61 17.19 -17.47
C ILE A 139 3.31 17.62 -18.14
N ASN A 140 2.26 17.73 -17.34
CA ASN A 140 0.95 18.14 -17.81
C ASN A 140 0.55 19.46 -17.12
N ASP A 141 0.65 20.56 -17.86
CA ASP A 141 0.53 21.90 -17.28
C ASP A 141 -0.73 22.66 -17.74
N ILE A 142 -1.68 22.83 -16.82
CA ILE A 142 -2.95 23.55 -17.12
C ILE A 142 -2.79 25.05 -17.38
N TRP A 143 -1.61 25.60 -17.07
CA TRP A 143 -1.34 27.01 -17.41
C TRP A 143 -0.39 27.19 -18.59
N GLY A 144 0.05 26.09 -19.18
CA GLY A 144 0.87 26.17 -20.40
C GLY A 144 2.13 27.02 -20.25
N ALA A 145 2.85 26.81 -19.16
CA ALA A 145 4.11 27.50 -18.84
C ALA A 145 3.97 28.99 -18.61
N LYS A 146 2.75 29.49 -18.49
CA LYS A 146 2.55 30.93 -18.25
C LYS A 146 2.46 31.30 -16.76
N ALA A 147 2.01 30.36 -15.92
CA ALA A 147 1.91 30.59 -14.48
C ALA A 147 3.29 30.63 -13.88
N GLU A 148 4.11 29.62 -14.18
CA GLU A 148 5.51 29.59 -13.75
C GLU A 148 6.39 29.16 -14.94
N PRO A 149 6.90 30.15 -15.71
CA PRO A 149 7.75 29.87 -16.88
C PRO A 149 8.91 28.91 -16.63
N LYS A 150 9.40 28.81 -15.39
CA LYS A 150 10.47 27.86 -15.05
C LYS A 150 10.10 26.39 -15.31
N ILE A 151 8.81 26.07 -15.39
CA ILE A 151 8.44 24.68 -15.64
C ILE A 151 8.98 24.22 -17.01
N ALA A 152 9.14 25.17 -17.93
CA ALA A 152 9.65 24.86 -19.27
C ALA A 152 11.17 24.61 -19.23
N GLU A 153 11.87 25.26 -18.31
CA GLU A 153 13.29 24.98 -18.08
C GLU A 153 13.48 23.58 -17.47
N VAL A 154 12.60 23.23 -16.53
CA VAL A 154 12.57 21.88 -15.95
C VAL A 154 12.37 20.87 -17.09
N ALA A 155 11.38 21.10 -17.95
CA ALA A 155 11.05 20.19 -19.03
C ALA A 155 12.22 20.04 -19.97
N ALA A 156 12.86 21.17 -20.33
CA ALA A 156 13.98 21.14 -21.26
C ALA A 156 15.17 20.37 -20.67
N HIS A 157 15.43 20.58 -19.39
CA HIS A 157 16.53 19.89 -18.73
C HIS A 157 16.38 18.35 -18.69
N TYR A 158 15.20 17.87 -18.32
CA TYR A 158 15.02 16.43 -18.23
C TYR A 158 14.69 15.80 -19.58
N ASP A 159 14.48 16.65 -20.59
CA ASP A 159 14.16 16.17 -21.94
C ASP A 159 12.84 15.36 -21.96
N VAL A 160 11.85 15.83 -21.21
CA VAL A 160 10.56 15.14 -21.12
C VAL A 160 9.44 15.86 -21.91
N PRO A 161 8.43 15.10 -22.41
CA PRO A 161 7.28 15.77 -23.04
C PRO A 161 6.57 16.70 -22.06
N ILE A 162 6.06 17.82 -22.58
CA ILE A 162 5.23 18.72 -21.79
C ILE A 162 3.93 19.06 -22.55
N ILE A 163 2.81 19.00 -21.83
CA ILE A 163 1.51 19.32 -22.38
C ILE A 163 1.23 20.76 -21.96
N LEU A 164 1.01 21.60 -22.97
CA LEU A 164 0.68 22.98 -22.74
C LEU A 164 -0.80 23.16 -22.98
N MET A 165 -1.56 23.42 -21.92
CA MET A 165 -3.01 23.62 -22.06
C MET A 165 -3.35 25.07 -22.32
N HIS A 166 -4.35 25.32 -23.16
CA HIS A 166 -4.91 26.68 -23.28
C HIS A 166 -5.60 27.12 -21.98
N ASN A 167 -5.24 28.30 -21.49
CA ASN A 167 -5.89 28.85 -20.28
C ASN A 167 -5.75 30.38 -20.31
N ARG A 168 -6.56 31.07 -19.52
CA ARG A 168 -6.66 32.52 -19.54
C ARG A 168 -7.22 33.06 -18.24
N ASP A 169 -6.82 34.28 -17.88
CA ASP A 169 -7.42 34.96 -16.73
C ASP A 169 -8.77 35.61 -17.04
N ASN A 170 -8.93 36.09 -18.26
CA ASN A 170 -10.17 36.72 -18.68
C ASN A 170 -10.98 35.83 -19.63
N MET A 171 -12.14 36.31 -20.05
CA MET A 171 -12.97 35.55 -20.99
C MET A 171 -13.48 36.39 -22.14
N ASN A 172 -12.91 37.57 -22.32
CA ASN A 172 -13.25 38.34 -23.49
C ASN A 172 -12.40 37.96 -24.72
N TYR A 173 -12.97 37.09 -25.54
CA TYR A 173 -12.39 36.70 -26.82
C TYR A 173 -12.93 37.58 -27.93
N ARG A 174 -12.02 38.04 -28.80
CA ARG A 174 -12.39 38.67 -30.07
C ARG A 174 -12.94 37.61 -31.04
N ASN A 175 -12.24 36.48 -31.14
CA ASN A 175 -12.56 35.38 -32.04
C ASN A 175 -12.01 34.15 -31.32
N LEU A 176 -12.89 33.32 -30.77
CA LEU A 176 -12.47 32.26 -29.84
C LEU A 176 -11.34 31.39 -30.37
N MET A 177 -11.53 30.80 -31.54
CA MET A 177 -10.52 29.89 -32.09
C MET A 177 -9.22 30.59 -32.44
N ALA A 178 -9.32 31.77 -33.07
CA ALA A 178 -8.12 32.54 -33.42
C ALA A 178 -7.35 32.91 -32.15
N ASP A 179 -8.09 33.35 -31.14
CA ASP A 179 -7.47 33.70 -29.85
C ASP A 179 -6.85 32.51 -29.15
N MET A 180 -7.51 31.35 -29.18
CA MET A 180 -6.92 30.14 -28.57
C MET A 180 -5.60 29.76 -29.21
N ILE A 181 -5.57 29.82 -30.54
CA ILE A 181 -4.35 29.48 -31.29
C ILE A 181 -3.20 30.46 -30.97
N ALA A 182 -3.50 31.75 -30.93
CA ALA A 182 -2.50 32.74 -30.54
C ALA A 182 -1.97 32.51 -29.12
N ASP A 183 -2.88 32.20 -28.19
CA ASP A 183 -2.50 31.94 -26.77
C ASP A 183 -1.62 30.70 -26.68
N LEU A 184 -1.98 29.65 -27.42
CA LEU A 184 -1.19 28.42 -27.42
C LEU A 184 0.17 28.69 -28.04
N TYR A 185 0.19 29.51 -29.08
CA TYR A 185 1.46 29.89 -29.66
C TYR A 185 2.40 30.60 -28.67
N ASP A 186 1.85 31.52 -27.88
CA ASP A 186 2.61 32.20 -26.81
C ASP A 186 3.18 31.18 -25.81
N SER A 187 2.44 30.11 -25.51
CA SER A 187 2.97 29.01 -24.71
C SER A 187 4.14 28.27 -25.39
N ILE A 188 3.94 27.88 -26.64
CA ILE A 188 4.99 27.21 -27.44
C ILE A 188 6.27 28.06 -27.51
N LYS A 189 6.12 29.38 -27.68
CA LYS A 189 7.29 30.27 -27.67
C LYS A 189 8.00 30.24 -26.31
N ILE A 190 7.25 30.28 -25.22
CA ILE A 190 7.87 30.17 -23.87
C ILE A 190 8.65 28.84 -23.75
N ALA A 191 8.03 27.74 -24.19
CA ALA A 191 8.70 26.42 -24.17
C ALA A 191 9.96 26.35 -25.05
N LYS A 192 9.85 26.77 -26.30
CA LYS A 192 10.99 26.71 -27.23
C LYS A 192 12.17 27.57 -26.73
N ASP A 193 11.85 28.76 -26.20
CA ASP A 193 12.85 29.70 -25.72
C ASP A 193 13.64 29.09 -24.57
N ALA A 194 13.01 28.18 -23.82
CA ALA A 194 13.70 27.51 -22.74
C ALA A 194 14.47 26.27 -23.21
N GLY A 195 14.36 25.93 -24.49
CA GLY A 195 15.08 24.77 -25.01
C GLY A 195 14.29 23.48 -25.15
N VAL A 196 12.97 23.54 -24.95
CA VAL A 196 12.11 22.37 -25.18
C VAL A 196 12.10 22.07 -26.70
N ARG A 197 12.36 20.81 -27.06
CA ARG A 197 12.40 20.39 -28.46
C ARG A 197 10.98 20.28 -29.01
N ASP A 198 10.82 20.52 -30.32
CA ASP A 198 9.50 20.36 -30.97
C ASP A 198 8.85 19.00 -30.69
N GLU A 199 9.63 17.92 -30.69
CA GLU A 199 9.08 16.59 -30.45
C GLU A 199 8.58 16.34 -29.01
N ASN A 200 8.87 17.28 -28.11
CA ASN A 200 8.43 17.19 -26.73
C ASN A 200 7.29 18.13 -26.38
N ILE A 201 6.62 18.64 -27.40
CA ILE A 201 5.53 19.57 -27.14
C ILE A 201 4.23 18.90 -27.51
N ILE A 202 3.26 18.98 -26.61
CA ILE A 202 1.87 18.53 -26.89
C ILE A 202 0.95 19.66 -26.51
N LEU A 203 -0.15 19.85 -27.23
CA LEU A 203 -1.09 20.95 -26.98
C LEU A 203 -2.41 20.40 -26.49
N ASP A 204 -3.15 21.19 -25.70
CA ASP A 204 -4.49 20.80 -25.19
C ASP A 204 -5.38 22.07 -25.25
N PRO A 205 -6.59 21.96 -25.90
CA PRO A 205 -7.45 23.16 -26.05
C PRO A 205 -8.04 23.71 -24.74
N GLY A 206 -7.84 23.02 -23.61
CA GLY A 206 -8.37 23.47 -22.32
C GLY A 206 -9.87 23.67 -22.26
N ILE A 207 -10.62 22.69 -22.75
CA ILE A 207 -12.07 22.67 -22.60
C ILE A 207 -12.42 22.77 -21.12
N GLY A 208 -13.34 23.65 -20.78
CA GLY A 208 -13.75 23.77 -19.39
C GLY A 208 -12.94 24.76 -18.60
N PHE A 209 -12.05 25.50 -19.28
CA PHE A 209 -11.24 26.54 -18.65
C PHE A 209 -11.40 27.86 -19.40
N ALA A 210 -11.75 28.92 -18.67
CA ALA A 210 -11.84 30.27 -19.24
C ALA A 210 -12.76 30.31 -20.45
N LYS A 211 -13.80 29.47 -20.42
CA LYS A 211 -14.76 29.39 -21.52
C LYS A 211 -16.15 29.19 -20.96
N THR A 212 -17.12 29.89 -21.53
CA THR A 212 -18.54 29.68 -21.23
C THR A 212 -18.91 28.30 -21.78
N PRO A 213 -20.09 27.75 -21.36
CA PRO A 213 -20.59 26.52 -22.00
C PRO A 213 -20.62 26.59 -23.52
N GLU A 214 -21.10 27.69 -24.08
CA GLU A 214 -21.18 27.84 -25.53
C GLU A 214 -19.82 27.96 -26.19
N GLN A 215 -18.85 28.58 -25.52
CA GLN A 215 -17.47 28.59 -26.06
C GLN A 215 -16.83 27.20 -26.03
N ASN A 216 -17.10 26.43 -24.97
CA ASN A 216 -16.71 25.02 -24.95
C ASN A 216 -17.28 24.21 -26.15
N LEU A 217 -18.53 24.47 -26.50
CA LEU A 217 -19.16 23.82 -27.64
C LEU A 217 -18.55 24.25 -28.97
N GLU A 218 -18.26 25.54 -29.12
CA GLU A 218 -17.60 26.11 -30.30
C GLU A 218 -16.17 25.55 -30.47
N ALA A 219 -15.41 25.42 -29.37
CA ALA A 219 -14.06 24.84 -29.46
C ALA A 219 -14.09 23.38 -29.93
N MET A 220 -14.98 22.57 -29.35
CA MET A 220 -15.23 21.20 -29.84
C MET A 220 -15.55 21.14 -31.33
N ARG A 221 -16.42 22.04 -31.77
CA ARG A 221 -16.84 22.09 -33.16
C ARG A 221 -15.71 22.39 -34.16
N ASN A 222 -14.71 23.12 -33.67
CA ASN A 222 -13.63 23.64 -34.49
C ASN A 222 -12.26 23.12 -34.09
N LEU A 223 -12.23 22.03 -33.32
CA LEU A 223 -10.97 21.47 -32.81
C LEU A 223 -9.90 21.20 -33.84
N GLU A 224 -10.32 20.84 -35.06
CA GLU A 224 -9.38 20.48 -36.13
C GLU A 224 -8.45 21.67 -36.48
N GLN A 225 -8.91 22.90 -36.18
CA GLN A 225 -8.08 24.09 -36.40
C GLN A 225 -6.74 24.01 -35.65
N LEU A 226 -6.73 23.40 -34.47
CA LEU A 226 -5.51 23.26 -33.66
C LEU A 226 -4.41 22.48 -34.37
N ASN A 227 -4.80 21.63 -35.30
CA ASN A 227 -3.83 20.84 -36.04
C ASN A 227 -2.83 21.67 -36.87
N VAL A 228 -3.21 22.89 -37.26
CA VAL A 228 -2.34 23.75 -38.08
C VAL A 228 -1.01 24.10 -37.39
N LEU A 229 -0.97 24.07 -36.04
CA LEU A 229 0.25 24.38 -35.31
C LEU A 229 1.31 23.27 -35.43
N GLY A 230 0.88 22.07 -35.84
CA GLY A 230 1.81 20.99 -36.14
C GLY A 230 2.31 20.21 -34.94
N TYR A 231 1.59 20.26 -33.81
CA TYR A 231 1.94 19.41 -32.64
C TYR A 231 0.83 18.42 -32.35
N PRO A 232 1.14 17.29 -31.70
CA PRO A 232 0.07 16.41 -31.22
C PRO A 232 -0.85 17.13 -30.23
N VAL A 233 -2.12 16.74 -30.25
CA VAL A 233 -3.13 17.37 -29.43
C VAL A 233 -3.71 16.33 -28.49
N LEU A 234 -3.86 16.72 -27.23
CA LEU A 234 -4.57 15.93 -26.24
C LEU A 234 -5.90 16.62 -25.91
N LEU A 235 -6.96 15.83 -25.85
CA LEU A 235 -8.29 16.36 -25.49
C LEU A 235 -8.69 15.93 -24.06
N GLY A 236 -9.11 16.87 -23.21
CA GLY A 236 -9.53 16.49 -21.85
C GLY A 236 -10.91 17.06 -21.53
N THR A 237 -11.93 16.26 -21.75
CA THR A 237 -13.31 16.73 -21.60
C THR A 237 -14.07 15.94 -20.53
N SER A 238 -13.38 15.00 -19.89
CA SER A 238 -14.03 13.95 -19.11
C SER A 238 -14.85 14.52 -17.95
N ARG A 239 -16.15 14.29 -18.00
CA ARG A 239 -17.10 14.61 -16.92
C ARG A 239 -17.32 16.11 -16.69
N LYS A 240 -16.89 16.93 -17.63
CA LYS A 240 -16.92 18.40 -17.45
C LYS A 240 -18.31 18.97 -17.38
N SER A 241 -18.43 20.13 -16.74
CA SER A 241 -19.72 20.72 -16.49
C SER A 241 -20.48 21.08 -17.77
N PHE A 242 -19.76 21.37 -18.87
CA PHE A 242 -20.45 21.73 -20.11
C PHE A 242 -21.28 20.55 -20.67
N ILE A 243 -20.88 19.33 -20.35
CA ILE A 243 -21.67 18.12 -20.65
C ILE A 243 -22.97 18.08 -19.83
N GLY A 244 -22.85 18.32 -18.53
CA GLY A 244 -24.02 18.46 -17.66
C GLY A 244 -24.93 19.55 -18.15
N HIS A 245 -24.35 20.64 -18.62
CA HIS A 245 -25.13 21.75 -19.13
C HIS A 245 -25.97 21.38 -20.36
N VAL A 246 -25.38 20.67 -21.32
CA VAL A 246 -26.09 20.20 -22.51
C VAL A 246 -27.15 19.15 -22.15
N LEU A 247 -26.75 18.17 -21.33
CA LEU A 247 -27.61 17.03 -20.99
C LEU A 247 -28.55 17.21 -19.78
N ASP A 248 -28.25 18.18 -18.90
CA ASP A 248 -28.95 18.32 -17.59
C ASP A 248 -28.78 17.05 -16.76
N LEU A 249 -27.51 16.67 -16.56
CA LEU A 249 -27.15 15.48 -15.80
C LEU A 249 -25.98 15.75 -14.86
N PRO A 250 -26.05 15.20 -13.63
CA PRO A 250 -24.97 15.31 -12.63
C PRO A 250 -23.71 14.55 -13.03
N VAL A 251 -22.61 14.84 -12.33
CA VAL A 251 -21.25 14.41 -12.69
C VAL A 251 -21.07 12.88 -12.85
N GLU A 252 -21.86 12.11 -12.11
CA GLU A 252 -21.74 10.66 -12.18
C GLU A 252 -22.56 10.08 -13.35
N GLU A 253 -23.32 10.93 -14.05
CA GLU A 253 -24.14 10.50 -15.19
C GLU A 253 -23.69 11.07 -16.57
N ARG A 254 -22.40 11.33 -16.71
CA ARG A 254 -21.87 12.00 -17.92
C ARG A 254 -20.99 11.07 -18.79
N LEU A 255 -21.06 9.77 -18.54
CA LEU A 255 -20.29 8.81 -19.31
C LEU A 255 -20.55 8.92 -20.83
N GLU A 256 -21.84 8.99 -21.19
CA GLU A 256 -22.29 9.06 -22.61
C GLU A 256 -21.93 10.40 -23.23
N GLY A 257 -22.19 11.49 -22.51
CA GLY A 257 -21.75 12.82 -22.94
C GLY A 257 -20.25 12.90 -23.17
N THR A 258 -19.47 12.33 -22.25
CA THR A 258 -17.99 12.29 -22.43
C THR A 258 -17.59 11.48 -23.69
N GLY A 259 -18.20 10.29 -23.85
CA GLY A 259 -17.96 9.46 -25.03
C GLY A 259 -18.18 10.22 -26.34
N ALA A 260 -19.25 11.00 -26.44
CA ALA A 260 -19.47 11.84 -27.61
C ALA A 260 -18.32 12.79 -27.87
N THR A 261 -17.78 13.41 -26.82
CA THR A 261 -16.67 14.38 -27.00
C THR A 261 -15.38 13.67 -27.43
N VAL A 262 -15.19 12.47 -26.89
CA VAL A 262 -14.05 11.64 -27.25
C VAL A 262 -14.10 11.23 -28.73
N CYS A 263 -15.26 10.77 -29.19
CA CYS A 263 -15.41 10.38 -30.60
C CYS A 263 -15.19 11.52 -31.58
N LEU A 264 -15.78 12.69 -31.30
CA LEU A 264 -15.59 13.87 -32.13
C LEU A 264 -14.13 14.32 -32.12
N GLY A 265 -13.52 14.34 -30.94
CA GLY A 265 -12.11 14.68 -30.82
C GLY A 265 -11.17 13.83 -31.64
N ILE A 266 -11.39 12.52 -31.63
CA ILE A 266 -10.61 11.58 -32.45
C ILE A 266 -10.87 11.81 -33.94
N GLU A 267 -12.13 12.03 -34.27
CA GLU A 267 -12.49 12.35 -35.65
C GLU A 267 -11.78 13.63 -36.12
N LYS A 268 -11.66 14.60 -35.22
CA LYS A 268 -10.98 15.86 -35.55
C LYS A 268 -9.45 15.82 -35.37
N GLY A 269 -8.90 14.65 -35.07
CA GLY A 269 -7.47 14.41 -35.19
C GLY A 269 -6.63 14.39 -33.93
N CYS A 270 -7.26 14.39 -32.75
CA CYS A 270 -6.52 14.32 -31.47
CA CYS A 270 -6.48 14.35 -31.51
C CYS A 270 -5.76 13.00 -31.32
N GLU A 271 -4.59 13.06 -30.68
CA GLU A 271 -3.71 11.91 -30.50
C GLU A 271 -3.87 11.23 -29.14
N PHE A 272 -4.36 11.99 -28.16
CA PHE A 272 -4.55 11.50 -26.78
C PHE A 272 -5.92 11.96 -26.29
N VAL A 273 -6.54 11.19 -25.40
CA VAL A 273 -7.68 11.67 -24.63
C VAL A 273 -7.44 11.40 -23.16
N ARG A 274 -7.76 12.38 -22.32
CA ARG A 274 -7.57 12.28 -20.87
C ARG A 274 -8.92 12.01 -20.23
N VAL A 275 -9.08 10.81 -19.65
CA VAL A 275 -10.42 10.30 -19.26
C VAL A 275 -10.41 9.63 -17.88
N HIS A 276 -11.55 9.69 -17.21
CA HIS A 276 -11.77 8.96 -15.96
C HIS A 276 -12.22 7.51 -16.22
N ASP A 277 -13.13 7.35 -17.18
CA ASP A 277 -13.80 6.07 -17.42
C ASP A 277 -13.01 5.27 -18.46
N VAL A 278 -11.90 4.68 -18.05
CA VAL A 278 -10.96 4.13 -19.00
C VAL A 278 -11.51 2.95 -19.82
N LYS A 279 -12.21 2.03 -19.17
CA LYS A 279 -12.73 0.84 -19.83
C LYS A 279 -13.63 1.25 -21.00
N GLU A 280 -14.55 2.15 -20.72
CA GLU A 280 -15.57 2.52 -21.70
C GLU A 280 -14.96 3.38 -22.83
N MET A 281 -14.09 4.30 -22.47
CA MET A 281 -13.50 5.21 -23.46
C MET A 281 -12.49 4.51 -24.36
N SER A 282 -11.78 3.51 -23.83
CA SER A 282 -10.86 2.68 -24.62
C SER A 282 -11.59 1.95 -25.72
N ARG A 283 -12.72 1.31 -25.40
CA ARG A 283 -13.55 0.67 -26.42
C ARG A 283 -14.03 1.66 -27.47
N MET A 284 -14.50 2.82 -27.03
CA MET A 284 -14.97 3.84 -27.97
C MET A 284 -13.85 4.35 -28.87
N ALA A 285 -12.69 4.62 -28.28
CA ALA A 285 -11.52 5.01 -29.07
C ALA A 285 -11.06 3.96 -30.06
N LYS A 286 -11.01 2.70 -29.66
CA LYS A 286 -10.63 1.60 -30.55
C LYS A 286 -11.59 1.48 -31.76
N MET A 287 -12.88 1.63 -31.52
CA MET A 287 -13.86 1.58 -32.61
C MET A 287 -13.66 2.76 -33.57
N MET A 288 -13.49 3.96 -33.02
CA MET A 288 -13.25 5.16 -33.81
C MET A 288 -11.99 4.97 -34.69
N ASP A 289 -10.89 4.56 -34.04
CA ASP A 289 -9.62 4.32 -34.75
C ASP A 289 -9.84 3.44 -35.98
N ALA A 290 -10.56 2.32 -35.82
CA ALA A 290 -10.79 1.39 -36.93
C ALA A 290 -11.64 2.02 -38.04
N MET A 291 -12.61 2.86 -37.68
CA MET A 291 -13.46 3.49 -38.70
C MET A 291 -12.74 4.60 -39.45
N ILE A 292 -11.93 5.39 -38.76
CA ILE A 292 -11.23 6.50 -39.45
C ILE A 292 -9.98 6.00 -40.20
N GLY A 293 -9.56 4.78 -39.87
CA GLY A 293 -8.41 4.16 -40.49
C GLY A 293 -7.11 4.58 -39.83
N LYS A 294 -7.13 4.75 -38.51
CA LYS A 294 -5.91 5.02 -37.72
C LYS A 294 -5.24 3.68 -37.43
N LYS B 22 -6.37 -35.28 23.82
CA LYS B 22 -7.40 -34.53 23.09
C LYS B 22 -7.75 -33.26 23.88
N TRP B 23 -7.82 -32.13 23.18
CA TRP B 23 -8.40 -30.94 23.73
C TRP B 23 -9.90 -31.04 23.46
N ASP B 24 -10.71 -30.76 24.47
CA ASP B 24 -12.16 -30.88 24.32
C ASP B 24 -12.80 -29.56 23.91
N TYR B 25 -11.98 -28.63 23.41
CA TYR B 25 -12.46 -27.35 22.87
C TYR B 25 -11.52 -26.87 21.76
N ASP B 26 -12.06 -26.06 20.84
CA ASP B 26 -11.28 -25.33 19.84
C ASP B 26 -10.97 -23.94 20.36
N LEU B 27 -9.93 -23.32 19.81
CA LEU B 27 -9.53 -21.98 20.17
C LEU B 27 -10.35 -21.02 19.31
N ARG B 28 -11.12 -20.17 19.95
CA ARG B 28 -12.03 -19.31 19.23
C ARG B 28 -11.37 -17.95 19.02
N CYS B 29 -11.26 -17.57 17.75
CA CYS B 29 -10.61 -16.33 17.35
C CYS B 29 -11.53 -15.50 16.47
N GLY B 30 -12.66 -15.08 17.02
CA GLY B 30 -13.64 -14.29 16.28
C GLY B 30 -14.14 -15.03 15.07
N GLU B 31 -13.85 -14.49 13.90
CA GLU B 31 -14.20 -15.08 12.60
C GLU B 31 -13.52 -16.43 12.36
N TYR B 32 -12.41 -16.69 13.05
CA TYR B 32 -11.62 -17.88 12.79
C TYR B 32 -11.67 -18.85 13.97
N THR B 33 -11.49 -20.13 13.69
CA THR B 33 -11.45 -21.16 14.72
C THR B 33 -10.20 -22.01 14.52
N LEU B 34 -9.46 -22.23 15.60
CA LEU B 34 -8.24 -23.05 15.54
C LEU B 34 -8.43 -24.34 16.32
N ASN B 35 -8.40 -25.46 15.61
CA ASN B 35 -8.52 -26.77 16.22
C ASN B 35 -7.17 -27.15 16.79
N LEU B 36 -7.13 -27.62 18.03
CA LEU B 36 -5.87 -27.91 18.72
C LEU B 36 -5.43 -29.36 18.57
N ASN B 37 -6.28 -30.19 17.97
CA ASN B 37 -6.02 -31.63 17.88
C ASN B 37 -5.52 -32.13 16.52
N GLU B 38 -5.79 -31.36 15.46
CA GLU B 38 -5.54 -31.79 14.08
C GLU B 38 -4.06 -31.83 13.67
N LYS B 39 -3.32 -30.81 14.09
CA LYS B 39 -1.98 -30.54 13.60
C LYS B 39 -1.36 -29.49 14.49
N THR B 40 -0.03 -29.42 14.45
CA THR B 40 0.67 -28.34 15.12
C THR B 40 0.35 -27.02 14.38
N LEU B 41 0.03 -25.99 15.13
CA LEU B 41 -0.29 -24.70 14.55
C LEU B 41 0.97 -23.84 14.37
N ILE B 42 1.11 -23.24 13.20
CA ILE B 42 2.31 -22.49 12.86
C ILE B 42 1.99 -20.98 12.98
N MET B 43 2.69 -20.31 13.88
CA MET B 43 2.59 -18.85 14.00
C MET B 43 3.77 -18.21 13.29
N GLY B 44 3.51 -17.49 12.19
CA GLY B 44 4.57 -16.86 11.42
C GLY B 44 4.89 -15.50 11.97
N ILE B 45 6.18 -15.19 12.09
CA ILE B 45 6.64 -13.95 12.68
C ILE B 45 6.77 -12.89 11.56
N LEU B 46 5.93 -11.84 11.64
CA LEU B 46 5.96 -10.79 10.59
C LEU B 46 7.21 -9.91 10.66
N ASN B 47 7.82 -9.71 9.48
CA ASN B 47 8.90 -8.74 9.25
C ASN B 47 8.49 -7.30 9.57
N VAL B 48 8.89 -6.82 10.73
CA VAL B 48 8.67 -5.43 11.12
C VAL B 48 10.01 -4.66 11.09
N THR B 49 10.09 -3.68 10.19
CA THR B 49 11.37 -3.06 9.81
C THR B 49 11.41 -1.55 10.13
N SER B 54 9.82 8.26 8.42
CA SER B 54 8.43 8.16 8.89
C SER B 54 8.28 7.53 10.29
N ASP B 55 7.25 7.98 11.01
CA ASP B 55 6.92 7.55 12.38
C ASP B 55 5.95 6.36 12.40
N GLY B 56 5.72 5.76 11.23
CA GLY B 56 4.82 4.62 11.11
C GLY B 56 3.72 4.80 10.08
N GLY B 57 3.26 3.68 9.55
CA GLY B 57 2.12 3.64 8.65
C GLY B 57 2.36 4.09 7.22
N SER B 58 3.63 4.25 6.84
CA SER B 58 3.97 4.70 5.49
C SER B 58 3.75 3.53 4.54
N TYR B 59 3.53 3.85 3.27
CA TYR B 59 3.21 2.85 2.26
C TYR B 59 4.26 1.76 2.19
N ASN B 60 5.53 2.15 2.07
CA ASN B 60 6.61 1.17 1.89
C ASN B 60 6.67 0.11 2.99
N GLU B 61 6.56 0.53 4.26
CA GLU B 61 6.64 -0.44 5.33
C GLU B 61 5.39 -1.29 5.45
N VAL B 62 4.21 -0.70 5.29
CA VAL B 62 2.98 -1.48 5.44
C VAL B 62 2.84 -2.43 4.25
N ASP B 63 3.24 -1.98 3.06
CA ASP B 63 3.21 -2.82 1.87
C ASP B 63 4.14 -4.04 1.98
N ALA B 64 5.37 -3.82 2.48
CA ALA B 64 6.31 -4.93 2.79
C ALA B 64 5.71 -5.94 3.76
N ALA B 65 5.09 -5.44 4.83
CA ALA B 65 4.39 -6.27 5.80
C ALA B 65 3.27 -7.13 5.18
N VAL B 66 2.42 -6.53 4.36
CA VAL B 66 1.32 -7.27 3.73
C VAL B 66 1.87 -8.37 2.80
N ARG B 67 2.87 -8.00 1.99
CA ARG B 67 3.49 -8.98 1.11
C ARG B 67 4.13 -10.16 1.87
N HIS B 68 4.81 -9.86 2.96
CA HIS B 68 5.39 -10.93 3.79
C HIS B 68 4.33 -11.84 4.42
N ALA B 69 3.24 -11.25 4.92
CA ALA B 69 2.14 -12.01 5.51
C ALA B 69 1.49 -12.89 4.44
N LYS B 70 1.33 -12.36 3.23
CA LYS B 70 0.79 -13.18 2.14
C LYS B 70 1.70 -14.37 1.83
N GLU B 71 3.00 -14.14 1.80
CA GLU B 71 3.99 -15.20 1.58
C GLU B 71 3.92 -16.28 2.69
N MET B 72 3.86 -15.86 3.95
CA MET B 72 3.74 -16.78 5.08
C MET B 72 2.45 -17.58 5.02
N ARG B 73 1.35 -16.92 4.68
CA ARG B 73 0.09 -17.62 4.45
C ARG B 73 0.24 -18.77 3.42
N ASP B 74 0.80 -18.44 2.26
CA ASP B 74 1.02 -19.41 1.19
C ASP B 74 1.97 -20.55 1.60
N GLU B 75 2.91 -20.27 2.52
CA GLU B 75 3.89 -21.27 2.99
C GLU B 75 3.38 -22.15 4.14
N GLY B 76 2.18 -21.87 4.63
CA GLY B 76 1.53 -22.71 5.62
C GLY B 76 1.31 -22.14 7.02
N ALA B 77 1.45 -20.82 7.21
CA ALA B 77 1.18 -20.23 8.53
C ALA B 77 -0.32 -20.28 8.86
N HIS B 78 -0.63 -20.52 10.13
CA HIS B 78 -2.02 -20.51 10.61
C HIS B 78 -2.37 -19.23 11.35
N ILE B 79 -1.35 -18.52 11.81
CA ILE B 79 -1.51 -17.27 12.58
C ILE B 79 -0.39 -16.33 12.14
N ILE B 80 -0.66 -15.03 12.04
CA ILE B 80 0.39 -14.04 11.78
C ILE B 80 0.67 -13.24 13.06
N ASP B 81 1.92 -13.25 13.52
CA ASP B 81 2.29 -12.52 14.75
C ASP B 81 2.94 -11.18 14.38
N ILE B 82 2.35 -10.08 14.88
CA ILE B 82 2.78 -8.73 14.53
C ILE B 82 3.21 -7.96 15.80
N GLY B 83 4.45 -7.48 15.81
CA GLY B 83 4.99 -6.70 16.93
C GLY B 83 5.60 -5.39 16.45
N GLY B 84 5.58 -4.37 17.31
CA GLY B 84 6.07 -3.03 16.90
C GLY B 84 7.06 -2.34 17.84
N VAL B 94 11.23 3.98 22.89
CA VAL B 94 10.04 4.22 22.06
C VAL B 94 8.75 4.16 22.89
N SER B 95 8.01 5.26 22.90
CA SER B 95 6.80 5.39 23.72
C SER B 95 5.58 4.65 23.15
N VAL B 96 4.54 4.53 23.98
CA VAL B 96 3.28 3.89 23.60
C VAL B 96 2.69 4.49 22.31
N GLU B 97 2.81 5.80 22.19
CA GLU B 97 2.33 6.56 21.02
C GLU B 97 3.03 6.10 19.74
N GLU B 98 4.37 6.11 19.75
CA GLU B 98 5.15 5.63 18.62
C GLU B 98 4.82 4.19 18.24
N GLU B 99 4.52 3.34 19.22
CA GLU B 99 4.24 1.92 19.00
C GLU B 99 2.90 1.69 18.31
N ILE B 100 1.87 2.37 18.77
CA ILE B 100 0.54 2.27 18.18
C ILE B 100 0.57 2.77 16.71
N LYS B 101 1.24 3.91 16.51
CA LYS B 101 1.41 4.52 15.21
C LYS B 101 2.07 3.58 14.22
N ARG B 102 2.98 2.72 14.69
CA ARG B 102 3.61 1.75 13.82
C ARG B 102 2.76 0.51 13.66
N VAL B 103 2.27 -0.02 14.76
CA VAL B 103 1.57 -1.32 14.73
C VAL B 103 0.14 -1.32 14.13
N VAL B 104 -0.65 -0.29 14.44
CA VAL B 104 -2.07 -0.27 14.03
C VAL B 104 -2.29 -0.32 12.49
N PRO B 105 -1.54 0.49 11.71
CA PRO B 105 -1.71 0.42 10.26
C PRO B 105 -1.38 -0.95 9.69
N MET B 106 -0.38 -1.63 10.27
CA MET B 106 -0.01 -2.97 9.83
C MET B 106 -1.12 -3.99 10.09
N ILE B 107 -1.67 -3.97 11.30
CA ILE B 107 -2.78 -4.87 11.65
C ILE B 107 -3.99 -4.60 10.74
N GLN B 108 -4.28 -3.33 10.47
CA GLN B 108 -5.42 -2.98 9.62
C GLN B 108 -5.24 -3.53 8.18
N ALA B 109 -4.08 -3.30 7.59
CA ALA B 109 -3.83 -3.78 6.25
C ALA B 109 -3.78 -5.32 6.18
N VAL B 110 -3.06 -5.95 7.10
CA VAL B 110 -2.94 -7.40 7.10
C VAL B 110 -4.28 -8.10 7.35
N SER B 111 -5.04 -7.64 8.35
CA SER B 111 -6.33 -8.26 8.64
C SER B 111 -7.28 -8.16 7.44
N LYS B 112 -7.21 -7.05 6.72
CA LYS B 112 -8.04 -6.84 5.53
C LYS B 112 -7.62 -7.71 4.35
N GLU B 113 -6.31 -7.98 4.21
CA GLU B 113 -5.77 -8.58 3.00
C GLU B 113 -5.35 -10.06 3.13
N VAL B 114 -5.21 -10.53 4.37
CA VAL B 114 -4.81 -11.92 4.65
C VAL B 114 -5.82 -12.59 5.58
N LYS B 115 -6.44 -13.68 5.12
CA LYS B 115 -7.50 -14.31 5.90
C LYS B 115 -6.96 -15.33 6.91
N LEU B 116 -6.27 -14.82 7.92
CA LEU B 116 -5.72 -15.63 9.01
C LEU B 116 -5.89 -14.87 10.33
N PRO B 117 -6.02 -15.59 11.45
CA PRO B 117 -5.97 -14.83 12.72
C PRO B 117 -4.63 -14.12 12.93
N ILE B 118 -4.67 -13.01 13.66
CA ILE B 118 -3.52 -12.16 13.90
C ILE B 118 -3.27 -12.04 15.40
N SER B 119 -2.02 -12.24 15.82
CA SER B 119 -1.65 -12.00 17.20
C SER B 119 -0.86 -10.71 17.33
N ILE B 120 -1.17 -9.92 18.36
CA ILE B 120 -0.40 -8.72 18.63
C ILE B 120 0.63 -9.08 19.71
N ASP B 121 1.88 -8.78 19.41
CA ASP B 121 2.98 -9.06 20.33
C ASP B 121 3.27 -7.80 21.14
N THR B 122 2.68 -7.74 22.32
CA THR B 122 2.83 -6.59 23.19
C THR B 122 2.59 -6.98 24.65
N TYR B 123 3.27 -6.29 25.56
CA TYR B 123 2.99 -6.40 27.00
C TYR B 123 2.23 -5.18 27.57
N LYS B 124 1.85 -4.24 26.71
CA LYS B 124 1.17 -2.99 27.12
C LYS B 124 -0.33 -2.99 26.84
N ALA B 125 -1.11 -2.58 27.84
CA ALA B 125 -2.58 -2.67 27.77
C ALA B 125 -3.21 -1.81 26.68
N GLU B 126 -2.69 -0.60 26.50
CA GLU B 126 -3.27 0.34 25.50
C GLU B 126 -2.97 -0.12 24.07
N VAL B 127 -1.77 -0.65 23.85
CA VAL B 127 -1.40 -1.23 22.56
C VAL B 127 -2.34 -2.39 22.21
N ALA B 128 -2.49 -3.32 23.15
CA ALA B 128 -3.33 -4.50 22.95
C ALA B 128 -4.75 -4.07 22.59
N LYS B 129 -5.27 -3.11 23.33
CA LYS B 129 -6.59 -2.53 23.07
C LYS B 129 -6.69 -2.00 21.63
N GLN B 130 -5.75 -1.11 21.25
CA GLN B 130 -5.79 -0.49 19.94
C GLN B 130 -5.64 -1.54 18.85
N ALA B 131 -4.79 -2.54 19.12
CA ALA B 131 -4.51 -3.59 18.15
C ALA B 131 -5.74 -4.46 17.93
N ILE B 132 -6.45 -4.79 19.00
CA ILE B 132 -7.68 -5.56 18.88
C ILE B 132 -8.74 -4.77 18.09
N GLU B 133 -8.86 -3.47 18.39
CA GLU B 133 -9.75 -2.58 17.65
C GLU B 133 -9.37 -2.51 16.15
N ALA B 134 -8.06 -2.53 15.87
CA ALA B 134 -7.55 -2.56 14.50
C ALA B 134 -7.83 -3.90 13.79
N GLY B 135 -8.18 -4.94 14.55
CA GLY B 135 -8.52 -6.26 13.99
C GLY B 135 -7.72 -7.47 14.44
N ALA B 136 -6.85 -7.32 15.44
CA ALA B 136 -6.10 -8.47 16.00
C ALA B 136 -7.00 -9.40 16.81
N HIS B 137 -6.63 -10.68 16.86
CA HIS B 137 -7.46 -11.74 17.45
C HIS B 137 -6.90 -12.34 18.76
N ILE B 138 -5.59 -12.21 18.98
CA ILE B 138 -4.88 -12.91 20.03
C ILE B 138 -3.84 -11.95 20.58
N ILE B 139 -3.66 -11.93 21.88
CA ILE B 139 -2.62 -11.14 22.54
C ILE B 139 -1.47 -12.08 22.88
N ASN B 140 -0.27 -11.69 22.46
CA ASN B 140 0.96 -12.43 22.77
C ASN B 140 1.84 -11.59 23.71
N ASP B 141 1.82 -11.94 25.00
CA ASP B 141 2.46 -11.10 26.04
C ASP B 141 3.75 -11.68 26.62
N ILE B 142 4.88 -11.04 26.30
CA ILE B 142 6.20 -11.50 26.76
C ILE B 142 6.45 -11.30 28.26
N TRP B 143 5.57 -10.55 28.92
CA TRP B 143 5.67 -10.45 30.38
C TRP B 143 4.56 -11.22 31.13
N GLY B 144 3.73 -11.95 30.39
CA GLY B 144 2.67 -12.78 31.01
C GLY B 144 1.78 -12.03 31.98
N ALA B 145 1.35 -10.83 31.60
CA ALA B 145 0.47 -9.98 32.40
C ALA B 145 1.11 -9.39 33.67
N LYS B 146 2.42 -9.56 33.81
CA LYS B 146 3.09 -9.09 35.04
C LYS B 146 3.58 -7.65 34.91
N ALA B 147 3.96 -7.24 33.70
CA ALA B 147 4.37 -5.86 33.44
C ALA B 147 3.18 -4.90 33.56
N GLU B 148 2.07 -5.21 32.87
CA GLU B 148 0.85 -4.39 32.90
C GLU B 148 -0.39 -5.27 33.11
N PRO B 149 -0.73 -5.58 34.38
CA PRO B 149 -1.85 -6.47 34.66
C PRO B 149 -3.17 -6.09 33.97
N LYS B 150 -3.34 -4.83 33.59
CA LYS B 150 -4.56 -4.42 32.89
C LYS B 150 -4.69 -5.05 31.52
N ILE B 151 -3.58 -5.52 30.94
CA ILE B 151 -3.65 -6.29 29.68
C ILE B 151 -4.62 -7.48 29.81
N ALA B 152 -4.68 -8.05 31.01
CA ALA B 152 -5.58 -9.17 31.31
C ALA B 152 -7.04 -8.73 31.34
N GLU B 153 -7.29 -7.49 31.78
CA GLU B 153 -8.63 -6.92 31.76
C GLU B 153 -9.06 -6.62 30.34
N VAL B 154 -8.12 -6.16 29.50
CA VAL B 154 -8.36 -5.97 28.06
C VAL B 154 -8.71 -7.32 27.43
N ALA B 155 -7.92 -8.35 27.75
CA ALA B 155 -8.15 -9.68 27.19
C ALA B 155 -9.51 -10.25 27.58
N ALA B 156 -9.83 -10.19 28.87
CA ALA B 156 -11.13 -10.59 29.39
C ALA B 156 -12.29 -9.87 28.70
N HIS B 157 -12.20 -8.54 28.60
CA HIS B 157 -13.30 -7.74 28.01
C HIS B 157 -13.56 -8.10 26.56
N TYR B 158 -12.49 -8.27 25.77
CA TYR B 158 -12.65 -8.67 24.37
C TYR B 158 -12.84 -10.17 24.14
N ASP B 159 -12.70 -10.96 25.20
CA ASP B 159 -12.84 -12.43 25.13
C ASP B 159 -11.86 -13.09 24.13
N VAL B 160 -10.63 -12.59 24.09
CA VAL B 160 -9.61 -13.06 23.13
C VAL B 160 -8.61 -14.01 23.82
N PRO B 161 -8.04 -14.99 23.07
CA PRO B 161 -6.96 -15.80 23.66
C PRO B 161 -5.77 -14.93 24.03
N ILE B 162 -5.12 -15.24 25.15
CA ILE B 162 -3.88 -14.55 25.54
C ILE B 162 -2.77 -15.54 25.81
N ILE B 163 -1.60 -15.29 25.23
CA ILE B 163 -0.44 -16.16 25.45
C ILE B 163 0.39 -15.54 26.56
N LEU B 164 0.58 -16.28 27.64
CA LEU B 164 1.35 -15.83 28.79
C LEU B 164 2.72 -16.48 28.75
N MET B 165 3.76 -15.68 28.51
CA MET B 165 5.12 -16.21 28.38
C MET B 165 5.84 -16.16 29.72
N HIS B 166 6.67 -17.16 29.99
CA HIS B 166 7.53 -17.10 31.16
C HIS B 166 8.61 -16.04 31.00
N ASN B 167 8.77 -15.21 32.03
CA ASN B 167 9.80 -14.19 32.04
C ASN B 167 10.08 -13.82 33.49
N ARG B 168 11.21 -13.19 33.73
CA ARG B 168 11.56 -12.68 35.06
C ARG B 168 12.76 -11.73 34.96
N ASP B 169 13.08 -11.04 36.05
CA ASP B 169 14.11 -9.98 35.99
C ASP B 169 15.52 -10.50 36.36
N ASN B 170 15.68 -11.82 36.40
CA ASN B 170 16.95 -12.44 36.82
C ASN B 170 17.10 -13.84 36.26
N MET B 171 18.26 -14.45 36.45
CA MET B 171 18.47 -15.84 36.02
C MET B 171 18.83 -16.76 37.16
N ASN B 172 18.33 -16.45 38.36
CA ASN B 172 18.66 -17.28 39.52
C ASN B 172 17.56 -18.23 39.93
N TYR B 173 17.76 -19.51 39.59
CA TYR B 173 16.73 -20.52 39.75
C TYR B 173 17.13 -21.58 40.76
N ARG B 174 16.22 -21.90 41.69
CA ARG B 174 16.40 -23.03 42.63
C ARG B 174 16.32 -24.35 41.86
N ASN B 175 15.32 -24.44 40.99
CA ASN B 175 15.00 -25.63 40.23
C ASN B 175 14.32 -25.02 39.02
N LEU B 176 15.01 -25.06 37.88
CA LEU B 176 14.58 -24.28 36.72
C LEU B 176 13.12 -24.53 36.39
N MET B 177 12.75 -25.80 36.19
CA MET B 177 11.42 -26.09 35.64
C MET B 177 10.34 -25.86 36.67
N ALA B 178 10.60 -26.26 37.91
CA ALA B 178 9.72 -25.98 39.05
C ALA B 178 9.50 -24.46 39.22
N ASP B 179 10.59 -23.68 39.14
CA ASP B 179 10.47 -22.21 39.19
C ASP B 179 9.71 -21.61 38.02
N MET B 180 9.96 -22.10 36.80
CA MET B 180 9.18 -21.63 35.63
C MET B 180 7.70 -21.89 35.83
N ILE B 181 7.37 -23.10 36.29
CA ILE B 181 5.96 -23.48 36.51
C ILE B 181 5.31 -22.56 37.55
N ALA B 182 5.99 -22.34 38.67
CA ALA B 182 5.53 -21.36 39.68
C ALA B 182 5.30 -19.94 39.10
N ASP B 183 6.26 -19.43 38.32
CA ASP B 183 6.10 -18.11 37.67
C ASP B 183 4.91 -18.06 36.71
N LEU B 184 4.74 -19.12 35.91
CA LEU B 184 3.62 -19.21 34.98
C LEU B 184 2.28 -19.28 35.71
N TYR B 185 2.22 -20.00 36.83
CA TYR B 185 1.02 -19.96 37.71
C TYR B 185 0.67 -18.60 38.27
N ASP B 186 1.67 -17.81 38.64
CA ASP B 186 1.48 -16.42 39.04
C ASP B 186 0.81 -15.60 37.91
N SER B 187 1.21 -15.86 36.65
CA SER B 187 0.58 -15.24 35.49
C SER B 187 -0.86 -15.68 35.30
N ILE B 188 -1.07 -16.99 35.31
CA ILE B 188 -2.40 -17.57 35.15
C ILE B 188 -3.36 -16.99 36.18
N LYS B 189 -2.89 -16.84 37.43
CA LYS B 189 -3.72 -16.29 38.51
C LYS B 189 -4.08 -14.81 38.26
N ILE B 190 -3.14 -14.03 37.72
CA ILE B 190 -3.46 -12.64 37.32
C ILE B 190 -4.53 -12.61 36.22
N ALA B 191 -4.37 -13.50 35.23
CA ALA B 191 -5.32 -13.59 34.13
C ALA B 191 -6.73 -14.01 34.59
N LYS B 192 -6.81 -15.07 35.36
CA LYS B 192 -8.10 -15.60 35.83
C LYS B 192 -8.82 -14.64 36.76
N ASP B 193 -8.07 -13.97 37.64
CA ASP B 193 -8.60 -12.93 38.53
C ASP B 193 -9.22 -11.75 37.74
N ALA B 194 -8.65 -11.43 36.59
CA ALA B 194 -9.25 -10.41 35.72
C ALA B 194 -10.42 -10.96 34.91
N GLY B 195 -10.69 -12.26 34.99
CA GLY B 195 -11.83 -12.84 34.28
C GLY B 195 -11.55 -13.55 32.96
N VAL B 196 -10.27 -13.76 32.65
CA VAL B 196 -9.88 -14.51 31.46
C VAL B 196 -10.26 -15.98 31.68
N ARG B 197 -11.02 -16.55 30.74
CA ARG B 197 -11.51 -17.92 30.85
C ARG B 197 -10.39 -18.92 30.53
N ASP B 198 -10.45 -20.11 31.11
CA ASP B 198 -9.38 -21.11 30.94
C ASP B 198 -9.10 -21.42 29.48
N GLU B 199 -10.15 -21.48 28.65
CA GLU B 199 -10.04 -21.74 27.21
C GLU B 199 -9.35 -20.64 26.38
N ASN B 200 -9.13 -19.49 27.00
CA ASN B 200 -8.42 -18.37 26.35
C ASN B 200 -7.00 -18.21 26.87
N ILE B 201 -6.50 -19.19 27.61
CA ILE B 201 -5.15 -19.13 28.13
C ILE B 201 -4.23 -20.10 27.36
N ILE B 202 -3.08 -19.56 26.93
CA ILE B 202 -1.99 -20.33 26.32
C ILE B 202 -0.69 -19.98 27.04
N LEU B 203 0.18 -20.97 27.22
CA LEU B 203 1.44 -20.75 27.92
C LEU B 203 2.62 -20.86 26.99
N ASP B 204 3.72 -20.17 27.31
CA ASP B 204 4.95 -20.19 26.53
C ASP B 204 6.13 -20.29 27.52
N PRO B 205 7.05 -21.25 27.33
CA PRO B 205 8.22 -21.37 28.26
C PRO B 205 9.22 -20.21 28.22
N GLY B 206 9.05 -19.27 27.29
CA GLY B 206 9.97 -18.14 27.19
C GLY B 206 11.43 -18.54 27.01
N ILE B 207 11.68 -19.51 26.13
CA ILE B 207 13.05 -19.85 25.72
C ILE B 207 13.78 -18.62 25.17
N GLY B 208 14.98 -18.36 25.68
CA GLY B 208 15.76 -17.19 25.26
C GLY B 208 15.47 -15.94 26.08
N PHE B 209 14.65 -16.06 27.11
CA PHE B 209 14.37 -14.94 28.03
C PHE B 209 14.69 -15.34 29.48
N ALA B 210 15.48 -14.51 30.16
CA ALA B 210 15.84 -14.75 31.57
C ALA B 210 16.48 -16.12 31.82
N LYS B 211 17.21 -16.63 30.83
CA LYS B 211 17.85 -17.93 30.93
C LYS B 211 19.23 -17.90 30.27
N THR B 212 20.19 -18.55 30.91
CA THR B 212 21.51 -18.77 30.32
C THR B 212 21.40 -19.78 29.15
N PRO B 213 22.43 -19.86 28.29
CA PRO B 213 22.43 -20.93 27.27
C PRO B 213 22.09 -22.33 27.84
N GLU B 214 22.72 -22.70 28.95
CA GLU B 214 22.53 -24.02 29.54
C GLU B 214 21.09 -24.21 30.08
N GLN B 215 20.55 -23.17 30.71
CA GLN B 215 19.15 -23.17 31.18
C GLN B 215 18.17 -23.32 30.00
N ASN B 216 18.42 -22.61 28.91
CA ASN B 216 17.63 -22.78 27.68
C ASN B 216 17.62 -24.25 27.20
N LEU B 217 18.76 -24.91 27.24
CA LEU B 217 18.85 -26.32 26.87
C LEU B 217 18.11 -27.24 27.86
N GLU B 218 18.20 -26.91 29.15
CA GLU B 218 17.53 -27.65 30.19
C GLU B 218 16.00 -27.54 30.06
N ALA B 219 15.51 -26.33 29.78
CA ALA B 219 14.08 -26.08 29.55
C ALA B 219 13.55 -26.90 28.34
N MET B 220 14.28 -26.86 27.23
CA MET B 220 13.98 -27.71 26.08
C MET B 220 13.88 -29.19 26.44
N ARG B 221 14.89 -29.71 27.15
CA ARG B 221 14.97 -31.09 27.61
C ARG B 221 13.78 -31.50 28.51
N ASN B 222 13.15 -30.52 29.16
CA ASN B 222 12.12 -30.80 30.18
C ASN B 222 10.74 -30.21 29.88
N LEU B 223 10.52 -29.82 28.62
CA LEU B 223 9.31 -29.09 28.22
C LEU B 223 8.02 -29.82 28.52
N GLU B 224 8.06 -31.14 28.48
CA GLU B 224 6.85 -31.92 28.69
C GLU B 224 6.25 -31.65 30.07
N GLN B 225 7.07 -31.18 31.00
CA GLN B 225 6.58 -30.88 32.35
C GLN B 225 5.50 -29.79 32.34
N LEU B 226 5.59 -28.90 31.36
CA LEU B 226 4.66 -27.78 31.26
C LEU B 226 3.23 -28.22 30.95
N ASN B 227 3.09 -29.42 30.40
CA ASN B 227 1.78 -29.99 30.10
C ASN B 227 0.91 -30.30 31.30
N VAL B 228 1.51 -30.53 32.48
CA VAL B 228 0.73 -30.78 33.69
C VAL B 228 -0.19 -29.62 34.10
N LEU B 229 0.12 -28.40 33.68
CA LEU B 229 -0.71 -27.25 34.03
C LEU B 229 -2.06 -27.30 33.30
N GLY B 230 -2.13 -28.07 32.20
CA GLY B 230 -3.39 -28.31 31.49
C GLY B 230 -3.86 -27.22 30.53
N TYR B 231 -2.92 -26.40 30.05
CA TYR B 231 -3.22 -25.40 29.02
C TYR B 231 -2.37 -25.69 27.80
N PRO B 232 -2.82 -25.26 26.63
CA PRO B 232 -1.97 -25.38 25.44
C PRO B 232 -0.68 -24.58 25.57
N VAL B 233 0.38 -25.11 24.96
CA VAL B 233 1.71 -24.55 25.02
C VAL B 233 2.18 -24.09 23.65
N LEU B 234 2.69 -22.85 23.59
CA LEU B 234 3.35 -22.32 22.40
C LEU B 234 4.86 -22.36 22.60
N LEU B 235 5.60 -22.86 21.60
CA LEU B 235 7.06 -22.80 21.67
C LEU B 235 7.60 -21.70 20.71
N GLY B 236 8.50 -20.84 21.17
CA GLY B 236 9.09 -19.80 20.35
C GLY B 236 10.61 -19.75 20.53
N THR B 237 11.34 -20.43 19.66
CA THR B 237 12.79 -20.60 19.77
C THR B 237 13.51 -20.08 18.54
N SER B 238 12.75 -19.52 17.60
CA SER B 238 13.23 -19.28 16.24
C SER B 238 14.42 -18.33 16.23
N ARG B 239 15.54 -18.81 15.71
CA ARG B 239 16.76 -18.02 15.49
C ARG B 239 17.38 -17.46 16.77
N LYS B 240 17.03 -18.01 17.91
CA LYS B 240 17.45 -17.44 19.18
C LYS B 240 18.91 -17.71 19.43
N SER B 241 19.49 -16.90 20.31
CA SER B 241 20.92 -16.91 20.46
C SER B 241 21.46 -18.22 21.04
N PHE B 242 20.70 -18.95 21.86
CA PHE B 242 21.20 -20.25 22.38
C PHE B 242 21.48 -21.27 21.27
N ILE B 243 20.81 -21.10 20.13
CA ILE B 243 21.08 -21.96 18.97
C ILE B 243 22.43 -21.59 18.35
N GLY B 244 22.68 -20.30 18.22
CA GLY B 244 23.96 -19.80 17.75
C GLY B 244 25.09 -20.21 18.67
N HIS B 245 24.82 -20.23 19.97
CA HIS B 245 25.81 -20.68 20.95
C HIS B 245 26.23 -22.15 20.78
N VAL B 246 25.26 -23.02 20.52
CA VAL B 246 25.53 -24.46 20.35
C VAL B 246 26.25 -24.70 19.01
N LEU B 247 25.73 -24.06 17.96
CA LEU B 247 26.23 -24.28 16.59
C LEU B 247 27.44 -23.41 16.19
N ASP B 248 27.68 -22.32 16.93
CA ASP B 248 28.62 -21.26 16.53
C ASP B 248 28.25 -20.69 15.16
N LEU B 249 27.02 -20.20 15.02
CA LEU B 249 26.54 -19.70 13.75
C LEU B 249 25.73 -18.42 13.90
N PRO B 250 25.90 -17.45 12.96
CA PRO B 250 25.16 -16.20 13.03
C PRO B 250 23.68 -16.38 12.81
N VAL B 251 22.93 -15.31 13.06
CA VAL B 251 21.47 -15.35 13.09
C VAL B 251 20.81 -15.85 11.79
N GLU B 252 21.47 -15.60 10.67
CA GLU B 252 20.92 -16.00 9.38
C GLU B 252 21.24 -17.46 9.02
N GLU B 253 21.96 -18.16 9.88
CA GLU B 253 22.35 -19.56 9.65
C GLU B 253 21.76 -20.51 10.70
N ARG B 254 20.60 -20.16 11.24
CA ARG B 254 20.06 -20.90 12.37
C ARG B 254 18.83 -21.71 12.00
N LEU B 255 18.50 -21.79 10.71
CA LEU B 255 17.32 -22.55 10.26
C LEU B 255 17.32 -24.00 10.78
N GLU B 256 18.41 -24.73 10.57
CA GLU B 256 18.50 -26.15 11.00
C GLU B 256 18.45 -26.34 12.51
N GLY B 257 19.09 -25.43 13.25
CA GLY B 257 19.03 -25.45 14.72
C GLY B 257 17.61 -25.22 15.20
N THR B 258 16.93 -24.23 14.62
CA THR B 258 15.53 -23.98 14.92
C THR B 258 14.66 -25.21 14.65
N GLY B 259 14.85 -25.81 13.49
CA GLY B 259 14.14 -27.02 13.09
C GLY B 259 14.23 -28.12 14.13
N ALA B 260 15.41 -28.32 14.72
CA ALA B 260 15.58 -29.30 15.79
C ALA B 260 14.80 -28.94 17.05
N THR B 261 14.74 -27.65 17.42
CA THR B 261 13.96 -27.22 18.60
C THR B 261 12.44 -27.40 18.38
N VAL B 262 12.02 -27.12 17.16
CA VAL B 262 10.64 -27.34 16.74
C VAL B 262 10.25 -28.82 16.81
N CYS B 263 11.08 -29.72 16.26
CA CYS B 263 10.81 -31.16 16.34
C CYS B 263 10.73 -31.69 17.77
N LEU B 264 11.65 -31.25 18.63
CA LEU B 264 11.64 -31.73 20.01
C LEU B 264 10.43 -31.13 20.76
N GLY B 265 10.13 -29.86 20.49
CA GLY B 265 8.93 -29.22 21.03
C GLY B 265 7.62 -29.96 20.75
N ILE B 266 7.43 -30.39 19.50
CA ILE B 266 6.24 -31.15 19.08
C ILE B 266 6.21 -32.52 19.73
N GLU B 267 7.35 -33.21 19.74
CA GLU B 267 7.38 -34.51 20.37
C GLU B 267 7.09 -34.40 21.90
N LYS B 268 7.42 -33.26 22.48
CA LYS B 268 7.15 -33.00 23.90
C LYS B 268 5.76 -32.38 24.15
N GLY B 269 4.96 -32.25 23.10
CA GLY B 269 3.56 -31.92 23.24
C GLY B 269 3.07 -30.49 23.04
N CYS B 270 3.90 -29.61 22.48
CA CYS B 270 3.49 -28.23 22.21
CA CYS B 270 3.47 -28.23 22.23
C CYS B 270 2.43 -28.18 21.11
N GLU B 271 1.49 -27.24 21.23
CA GLU B 271 0.39 -27.10 20.28
C GLU B 271 0.67 -26.10 19.15
N PHE B 272 1.56 -25.16 19.41
CA PHE B 272 1.89 -24.05 18.51
C PHE B 272 3.40 -23.92 18.47
N VAL B 273 3.96 -23.56 17.30
CA VAL B 273 5.34 -23.07 17.23
C VAL B 273 5.39 -21.68 16.55
N ARG B 274 6.24 -20.79 17.08
CA ARG B 274 6.37 -19.42 16.55
C ARG B 274 7.68 -19.30 15.81
N VAL B 275 7.63 -19.10 14.49
CA VAL B 275 8.79 -19.28 13.61
C VAL B 275 8.93 -18.18 12.54
N HIS B 276 10.16 -17.91 12.12
CA HIS B 276 10.45 -17.02 11.00
C HIS B 276 10.35 -17.75 9.66
N ASP B 277 10.93 -18.95 9.64
CA ASP B 277 11.09 -19.76 8.41
C ASP B 277 9.88 -20.66 8.22
N VAL B 278 8.78 -20.06 7.77
CA VAL B 278 7.48 -20.75 7.77
C VAL B 278 7.49 -21.97 6.82
N LYS B 279 8.00 -21.80 5.62
CA LYS B 279 7.99 -22.90 4.65
C LYS B 279 8.67 -24.16 5.21
N GLU B 280 9.91 -24.00 5.67
CA GLU B 280 10.72 -25.12 6.16
C GLU B 280 10.12 -25.71 7.47
N MET B 281 9.80 -24.85 8.43
CA MET B 281 9.26 -25.32 9.72
C MET B 281 7.91 -26.01 9.54
N SER B 282 7.13 -25.55 8.58
CA SER B 282 5.83 -26.13 8.39
C SER B 282 5.89 -27.55 7.79
N ARG B 283 6.84 -27.80 6.88
CA ARG B 283 7.15 -29.19 6.43
C ARG B 283 7.66 -30.10 7.58
N MET B 284 8.54 -29.58 8.42
CA MET B 284 9.06 -30.37 9.53
C MET B 284 7.95 -30.70 10.52
N ALA B 285 7.13 -29.71 10.85
CA ALA B 285 6.01 -29.95 11.75
C ALA B 285 5.00 -30.98 11.21
N LYS B 286 4.70 -30.93 9.93
CA LYS B 286 3.79 -31.92 9.32
C LYS B 286 4.34 -33.36 9.38
N MET B 287 5.65 -33.52 9.16
CA MET B 287 6.30 -34.83 9.27
C MET B 287 6.25 -35.31 10.74
N MET B 288 6.60 -34.43 11.67
CA MET B 288 6.54 -34.76 13.11
C MET B 288 5.13 -35.21 13.53
N ASP B 289 4.13 -34.39 13.19
CA ASP B 289 2.73 -34.71 13.44
C ASP B 289 2.36 -36.12 12.96
N ALA B 290 2.79 -36.48 11.75
CA ALA B 290 2.47 -37.78 11.20
C ALA B 290 3.16 -38.89 11.98
N MET B 291 4.39 -38.66 12.41
CA MET B 291 5.12 -39.71 13.13
C MET B 291 4.57 -39.92 14.54
N ILE B 292 4.24 -38.83 15.21
CA ILE B 292 3.73 -38.97 16.59
C ILE B 292 2.26 -39.40 16.61
N GLY B 293 1.59 -39.26 15.47
CA GLY B 293 0.21 -39.69 15.30
C GLY B 293 -0.76 -38.64 15.80
N LYS B 294 -0.43 -37.36 15.56
CA LYS B 294 -1.26 -36.23 15.96
C LYS B 294 -2.43 -36.07 15.00
#